data_3WUG
#
_entry.id   3WUG
#
_cell.length_a   80.798
_cell.length_b   80.798
_cell.length_c   288.589
_cell.angle_alpha   90.00
_cell.angle_beta   90.00
_cell.angle_gamma   120.00
#
_symmetry.space_group_name_H-M   'P 65 2 2'
#
loop_
_entity.id
_entity.type
_entity.pdbx_description
1 polymer 'Endo-1,4-beta-xylanase A'
2 branched beta-D-xylopyranose-(1-4)-beta-D-xylopyranose
3 non-polymer 'ZINC ION'
4 water water
#
_entity_poly.entity_id   1
_entity_poly.type   'polypeptide(L)'
_entity_poly.pdbx_seq_one_letter_code
;DTATLGELAEAKGRYFGSATDNPELPDTQYTQILGSEFSQITPENTMKWQYTEPSRGRFDYTAAEEIVDLAESNGQSVRG
HTLVWHNQLPSWVDDVPAGELLGVMRDHITHEVDHFKGRLIHWDVVNEAFEEDGSRRQSVFQQKIGDSYIAEAFKAARAA
DPDVKLYYNDYNIEGIGPKSDAVYEMVKSFKAQGIPIDGVGMQAHLIAGQVPASLQENIRRFADLGVDVALTELDIRMTL
PRTAAKDAQQATDYGAVVEACLVVSRCVGITVWDYTDKYSWVPSVFPGQGAALPWDEDFAKKPAYHAIAAALN
;
_entity_poly.pdbx_strand_id   A
#
# COMPACT_ATOMS: atom_id res chain seq x y z
N THR A 2 1.12 -26.86 4.58
CA THR A 2 -0.30 -27.12 4.19
C THR A 2 -0.93 -25.91 3.50
N ALA A 3 -1.84 -25.23 4.18
CA ALA A 3 -2.50 -24.05 3.62
C ALA A 3 -1.57 -22.83 3.58
N THR A 4 -1.66 -22.06 2.51
CA THR A 4 -0.84 -20.87 2.35
C THR A 4 -1.44 -19.69 3.12
N LEU A 5 -0.66 -18.62 3.27
CA LEU A 5 -1.14 -17.43 3.96
C LEU A 5 -2.36 -16.90 3.23
N GLY A 6 -2.31 -16.94 1.90
CA GLY A 6 -3.44 -16.47 1.11
C GLY A 6 -4.69 -17.27 1.38
N GLU A 7 -4.55 -18.60 1.44
CA GLU A 7 -5.70 -19.47 1.69
C GLU A 7 -6.24 -19.28 3.10
N LEU A 8 -5.35 -19.13 4.08
CA LEU A 8 -5.78 -18.94 5.46
C LEU A 8 -6.53 -17.62 5.59
N ALA A 9 -6.02 -16.57 4.93
CA ALA A 9 -6.66 -15.26 4.98
C ALA A 9 -8.03 -15.28 4.32
N GLU A 10 -8.09 -15.90 3.14
CA GLU A 10 -9.33 -15.98 2.39
C GLU A 10 -10.41 -16.74 3.16
N ALA A 11 -9.98 -17.71 3.97
CA ALA A 11 -10.92 -18.49 4.77
C ALA A 11 -11.62 -17.56 5.76
N LYS A 12 -10.99 -16.42 6.05
CA LYS A 12 -11.57 -15.47 6.99
C LYS A 12 -12.05 -14.20 6.29
N GLY A 13 -12.35 -14.33 5.00
CA GLY A 13 -12.85 -13.21 4.22
C GLY A 13 -11.87 -12.09 3.94
N ARG A 14 -10.58 -12.39 4.01
CA ARG A 14 -9.56 -11.38 3.76
C ARG A 14 -8.51 -11.89 2.77
N TYR A 15 -7.71 -10.97 2.24
CA TYR A 15 -6.66 -11.36 1.33
C TYR A 15 -5.31 -11.18 2.02
N PHE A 16 -4.31 -11.93 1.56
CA PHE A 16 -2.98 -11.77 2.07
C PHE A 16 -2.11 -11.78 0.82
N GLY A 17 -1.53 -10.63 0.52
CA GLY A 17 -0.72 -10.53 -0.68
C GLY A 17 0.66 -9.98 -0.49
N SER A 18 1.32 -9.76 -1.61
CA SER A 18 2.67 -9.24 -1.64
C SER A 18 2.86 -8.31 -2.82
N ALA A 19 3.72 -7.31 -2.64
CA ALA A 19 4.02 -6.42 -3.75
C ALA A 19 5.11 -7.16 -4.52
N THR A 20 5.37 -6.72 -5.75
CA THR A 20 6.42 -7.32 -6.58
C THR A 20 6.80 -6.30 -7.64
N ASP A 21 7.99 -6.45 -8.21
CA ASP A 21 8.46 -5.53 -9.21
C ASP A 21 8.90 -6.31 -10.44
N ASN A 22 8.78 -5.68 -11.61
CA ASN A 22 9.14 -6.33 -12.87
C ASN A 22 10.53 -6.99 -12.91
N PRO A 23 11.57 -6.32 -12.39
CA PRO A 23 12.92 -6.90 -12.40
C PRO A 23 13.08 -8.21 -11.64
N GLU A 24 12.12 -8.53 -10.78
CA GLU A 24 12.18 -9.74 -9.97
C GLU A 24 11.59 -10.97 -10.65
N LEU A 25 10.73 -10.74 -11.64
CA LEU A 25 10.06 -11.84 -12.31
C LEU A 25 10.96 -12.92 -12.94
N PRO A 26 12.21 -12.59 -13.31
CA PRO A 26 13.06 -13.63 -13.90
C PRO A 26 13.47 -14.69 -12.87
N ASP A 27 13.49 -14.29 -11.60
CA ASP A 27 13.84 -15.19 -10.50
C ASP A 27 12.73 -16.26 -10.38
N THR A 28 12.98 -17.43 -10.95
CA THR A 28 11.98 -18.50 -10.94
C THR A 28 11.54 -18.97 -9.56
N GLN A 29 12.47 -19.12 -8.63
CA GLN A 29 12.12 -19.56 -7.29
C GLN A 29 11.23 -18.50 -6.66
N TYR A 30 11.57 -17.23 -6.89
CA TYR A 30 10.81 -16.13 -6.34
C TYR A 30 9.36 -16.10 -6.84
N THR A 31 9.19 -16.17 -8.16
CA THR A 31 7.86 -16.11 -8.74
C THR A 31 6.99 -17.31 -8.38
N GLN A 32 7.62 -18.46 -8.16
CA GLN A 32 6.91 -19.67 -7.81
C GLN A 32 6.16 -19.46 -6.48
N ILE A 33 6.87 -18.91 -5.50
CA ILE A 33 6.26 -18.64 -4.19
C ILE A 33 5.25 -17.50 -4.31
N LEU A 34 5.63 -16.45 -5.04
CA LEU A 34 4.74 -15.31 -5.23
C LEU A 34 3.39 -15.72 -5.77
N GLY A 35 3.40 -16.62 -6.76
CA GLY A 35 2.15 -17.05 -7.36
C GLY A 35 1.30 -18.05 -6.61
N SER A 36 1.90 -18.80 -5.70
CA SER A 36 1.16 -19.81 -4.96
C SER A 36 0.80 -19.45 -3.52
N GLU A 37 1.64 -18.66 -2.87
CA GLU A 37 1.40 -18.30 -1.47
C GLU A 37 0.41 -17.18 -1.21
N PHE A 38 0.33 -16.22 -2.14
CA PHE A 38 -0.53 -15.05 -1.97
C PHE A 38 -1.78 -15.00 -2.82
N SER A 39 -2.78 -14.27 -2.33
CA SER A 39 -4.04 -14.13 -3.06
C SER A 39 -4.21 -12.74 -3.66
N GLN A 40 -3.23 -11.86 -3.44
CA GLN A 40 -3.28 -10.50 -3.93
C GLN A 40 -1.89 -9.98 -4.27
N ILE A 41 -1.82 -9.07 -5.24
CA ILE A 41 -0.56 -8.51 -5.70
C ILE A 41 -0.62 -7.00 -5.86
N THR A 42 0.48 -6.31 -5.55
CA THR A 42 0.56 -4.87 -5.73
C THR A 42 1.80 -4.53 -6.53
N PRO A 43 1.67 -3.78 -7.63
CA PRO A 43 2.83 -3.39 -8.44
C PRO A 43 3.64 -2.45 -7.57
N GLU A 44 4.89 -2.80 -7.30
CA GLU A 44 5.74 -1.99 -6.44
C GLU A 44 6.10 -0.62 -7.01
N ASN A 45 6.27 -0.54 -8.33
CA ASN A 45 6.67 0.71 -8.95
C ASN A 45 6.05 1.11 -10.27
N THR A 46 5.93 0.16 -11.19
CA THR A 46 5.46 0.48 -12.52
C THR A 46 4.07 1.04 -12.78
N MET A 47 3.32 1.31 -11.71
CA MET A 47 2.03 1.96 -11.91
C MET A 47 2.18 3.41 -11.47
N LYS A 48 3.36 3.75 -10.98
CA LYS A 48 3.64 5.12 -10.54
C LYS A 48 3.83 6.06 -11.73
N TRP A 49 3.54 7.34 -11.48
CA TRP A 49 3.60 8.41 -12.48
C TRP A 49 4.86 8.44 -13.34
N GLN A 50 6.03 8.26 -12.73
CA GLN A 50 7.26 8.30 -13.50
C GLN A 50 7.26 7.28 -14.64
N TYR A 51 6.54 6.17 -14.45
CA TYR A 51 6.46 5.12 -15.47
C TYR A 51 5.27 5.21 -16.42
N THR A 52 4.10 5.50 -15.86
CA THR A 52 2.87 5.56 -16.66
C THR A 52 2.64 6.81 -17.49
N GLU A 53 3.30 7.91 -17.14
CA GLU A 53 3.17 9.14 -17.93
C GLU A 53 4.50 9.87 -17.88
N PRO A 54 5.55 9.27 -18.47
CA PRO A 54 6.91 9.81 -18.54
C PRO A 54 7.06 11.15 -19.24
N SER A 55 6.13 11.46 -20.13
CA SER A 55 6.14 12.75 -20.83
C SER A 55 4.68 13.17 -20.80
N ARG A 56 4.43 14.47 -20.70
CA ARG A 56 3.07 14.98 -20.61
C ARG A 56 2.12 14.49 -21.70
N GLY A 57 1.00 13.90 -21.28
CA GLY A 57 0.00 13.43 -22.21
C GLY A 57 0.31 12.13 -22.95
N ARG A 58 1.46 11.54 -22.67
CA ARG A 58 1.83 10.29 -23.33
C ARG A 58 1.94 9.19 -22.28
N PHE A 59 0.95 8.31 -22.26
CA PHE A 59 0.91 7.25 -21.27
C PHE A 59 1.61 5.96 -21.68
N ASP A 60 2.09 5.23 -20.68
CA ASP A 60 2.84 3.99 -20.88
C ASP A 60 2.47 2.98 -19.79
N TYR A 61 1.66 1.97 -20.14
CA TYR A 61 1.26 0.97 -19.17
C TYR A 61 1.94 -0.37 -19.40
N THR A 62 2.95 -0.37 -20.26
CA THR A 62 3.70 -1.59 -20.60
C THR A 62 4.10 -2.42 -19.38
N ALA A 63 4.97 -1.87 -18.55
CA ALA A 63 5.44 -2.56 -17.36
C ALA A 63 4.35 -2.94 -16.37
N ALA A 64 3.44 -2.00 -16.09
CA ALA A 64 2.36 -2.30 -15.15
C ALA A 64 1.52 -3.47 -15.64
N GLU A 65 1.27 -3.50 -16.95
CA GLU A 65 0.48 -4.57 -17.55
C GLU A 65 1.02 -5.96 -17.25
N GLU A 66 2.35 -6.08 -17.29
CA GLU A 66 3.00 -7.36 -17.04
C GLU A 66 2.64 -7.90 -15.65
N ILE A 67 2.64 -7.01 -14.66
CA ILE A 67 2.31 -7.42 -13.30
C ILE A 67 0.85 -7.79 -13.16
N VAL A 68 -0.04 -6.99 -13.76
CA VAL A 68 -1.46 -7.29 -13.68
C VAL A 68 -1.76 -8.65 -14.32
N ASP A 69 -1.19 -8.89 -15.50
CA ASP A 69 -1.43 -10.16 -16.19
C ASP A 69 -0.94 -11.32 -15.33
N LEU A 70 0.25 -11.17 -14.77
CA LEU A 70 0.82 -12.20 -13.91
C LEU A 70 -0.15 -12.56 -12.79
N ALA A 71 -0.65 -11.53 -12.11
CA ALA A 71 -1.59 -11.72 -11.02
C ALA A 71 -2.84 -12.45 -11.53
N GLU A 72 -3.36 -11.99 -12.65
CA GLU A 72 -4.55 -12.60 -13.24
C GLU A 72 -4.30 -14.07 -13.58
N SER A 73 -3.09 -14.37 -14.04
CA SER A 73 -2.71 -15.74 -14.38
C SER A 73 -2.79 -16.65 -13.17
N ASN A 74 -2.51 -16.09 -11.99
CA ASN A 74 -2.53 -16.87 -10.77
C ASN A 74 -3.82 -16.72 -9.99
N GLY A 75 -4.78 -16.00 -10.56
CA GLY A 75 -6.05 -15.80 -9.88
C GLY A 75 -5.92 -14.91 -8.65
N GLN A 76 -4.98 -13.97 -8.71
CA GLN A 76 -4.76 -13.04 -7.60
C GLN A 76 -5.34 -11.66 -7.91
N SER A 77 -5.91 -11.02 -6.89
CA SER A 77 -6.47 -9.69 -7.07
C SER A 77 -5.31 -8.70 -7.13
N VAL A 78 -5.58 -7.48 -7.55
CA VAL A 78 -4.53 -6.48 -7.68
C VAL A 78 -4.94 -5.12 -7.13
N ARG A 79 -4.02 -4.47 -6.42
CA ARG A 79 -4.27 -3.13 -5.88
C ARG A 79 -3.47 -2.17 -6.75
N GLY A 80 -4.11 -1.10 -7.22
CA GLY A 80 -3.42 -0.11 -8.03
C GLY A 80 -2.63 0.80 -7.09
N HIS A 81 -1.40 1.12 -7.46
CA HIS A 81 -0.54 1.94 -6.61
C HIS A 81 0.53 2.65 -7.45
N THR A 82 0.57 3.99 -7.46
CA THR A 82 -0.36 4.89 -6.78
C THR A 82 -0.53 6.05 -7.76
N LEU A 83 -1.68 6.72 -7.75
CA LEU A 83 -1.95 7.80 -8.71
C LEU A 83 -1.30 9.15 -8.44
N VAL A 84 -1.48 9.69 -7.23
CA VAL A 84 -0.92 10.99 -6.89
C VAL A 84 0.07 10.84 -5.74
N TRP A 85 1.32 11.23 -5.98
CA TRP A 85 2.37 11.11 -4.97
C TRP A 85 3.49 12.09 -5.29
N HIS A 86 4.12 12.63 -4.25
CA HIS A 86 5.20 13.60 -4.44
C HIS A 86 6.50 12.97 -4.88
N ASN A 87 6.64 11.65 -4.68
CA ASN A 87 7.84 10.93 -5.10
C ASN A 87 7.64 10.18 -6.41
N GLN A 88 8.76 9.83 -7.05
CA GLN A 88 8.74 9.10 -8.32
C GLN A 88 7.78 9.78 -9.29
N LEU A 89 7.94 11.10 -9.37
CA LEU A 89 7.14 11.94 -10.24
C LEU A 89 8.09 12.40 -11.34
N PRO A 90 7.70 12.25 -12.62
CA PRO A 90 8.59 12.69 -13.69
C PRO A 90 8.87 14.19 -13.58
N SER A 91 10.05 14.60 -14.01
CA SER A 91 10.46 16.00 -13.92
C SER A 91 9.54 17.03 -14.59
N TRP A 92 8.82 16.64 -15.63
CA TRP A 92 7.95 17.59 -16.32
C TRP A 92 6.79 18.13 -15.48
N VAL A 93 6.33 17.32 -14.52
CA VAL A 93 5.20 17.74 -13.68
C VAL A 93 5.47 19.05 -12.93
N ASP A 94 6.71 19.24 -12.48
CA ASP A 94 7.06 20.46 -11.77
C ASP A 94 7.05 21.68 -12.69
N ASP A 95 7.24 21.43 -13.99
CA ASP A 95 7.26 22.53 -14.96
C ASP A 95 5.89 22.96 -15.41
N VAL A 96 4.86 22.18 -15.07
CA VAL A 96 3.50 22.52 -15.47
C VAL A 96 3.09 23.81 -14.74
N PRO A 97 2.56 24.80 -15.49
CA PRO A 97 2.14 26.05 -14.84
C PRO A 97 1.11 25.74 -13.75
N ALA A 98 1.27 26.38 -12.60
CA ALA A 98 0.39 26.15 -11.46
C ALA A 98 -1.10 26.07 -11.82
N GLY A 99 -1.58 27.03 -12.61
CA GLY A 99 -2.98 27.04 -12.99
C GLY A 99 -3.44 25.86 -13.81
N GLU A 100 -2.50 25.08 -14.34
CA GLU A 100 -2.83 23.92 -15.17
C GLU A 100 -2.68 22.57 -14.45
N LEU A 101 -2.00 22.59 -13.30
CA LEU A 101 -1.75 21.34 -12.56
C LEU A 101 -2.98 20.52 -12.19
N LEU A 102 -4.03 21.16 -11.73
CA LEU A 102 -5.23 20.41 -11.37
C LEU A 102 -5.75 19.64 -12.60
N GLY A 103 -5.77 20.30 -13.75
CA GLY A 103 -6.23 19.64 -14.96
C GLY A 103 -5.32 18.46 -15.29
N VAL A 104 -4.01 18.68 -15.14
CA VAL A 104 -3.04 17.64 -15.41
C VAL A 104 -3.20 16.46 -14.46
N MET A 105 -3.39 16.74 -13.18
CA MET A 105 -3.56 15.67 -12.20
C MET A 105 -4.83 14.87 -12.51
N ARG A 106 -5.91 15.58 -12.85
CA ARG A 106 -7.17 14.91 -13.19
C ARG A 106 -6.98 14.02 -14.42
N ASP A 107 -6.27 14.54 -15.41
CA ASP A 107 -6.04 13.79 -16.63
C ASP A 107 -5.22 12.53 -16.38
N HIS A 108 -4.15 12.68 -15.60
CA HIS A 108 -3.29 11.53 -15.29
C HIS A 108 -4.15 10.44 -14.64
N ILE A 109 -4.95 10.83 -13.65
CA ILE A 109 -5.81 9.90 -12.95
C ILE A 109 -6.83 9.25 -13.91
N THR A 110 -7.50 10.07 -14.71
CA THR A 110 -8.51 9.53 -15.62
C THR A 110 -7.97 8.47 -16.58
N HIS A 111 -6.84 8.75 -17.21
CA HIS A 111 -6.25 7.78 -18.15
C HIS A 111 -5.82 6.49 -17.48
N GLU A 112 -5.11 6.58 -16.35
CA GLU A 112 -4.65 5.36 -15.69
C GLU A 112 -5.78 4.55 -15.06
N VAL A 113 -6.73 5.22 -14.43
CA VAL A 113 -7.85 4.49 -13.83
C VAL A 113 -8.71 3.85 -14.92
N ASP A 114 -9.00 4.61 -15.97
CA ASP A 114 -9.80 4.09 -17.06
C ASP A 114 -9.14 2.88 -17.70
N HIS A 115 -7.83 2.97 -17.88
CA HIS A 115 -7.07 1.89 -18.50
C HIS A 115 -7.18 0.55 -17.80
N PHE A 116 -7.20 0.56 -16.47
CA PHE A 116 -7.28 -0.67 -15.70
C PHE A 116 -8.67 -0.94 -15.13
N LYS A 117 -9.66 -0.21 -15.61
CA LYS A 117 -11.03 -0.39 -15.12
C LYS A 117 -11.46 -1.85 -15.14
N GLY A 118 -12.03 -2.30 -14.02
CA GLY A 118 -12.52 -3.66 -13.91
C GLY A 118 -11.47 -4.73 -13.63
N ARG A 119 -10.21 -4.34 -13.49
CA ARG A 119 -9.15 -5.30 -13.25
C ARG A 119 -8.52 -5.21 -11.86
N LEU A 120 -8.76 -4.10 -11.15
CA LEU A 120 -8.19 -3.89 -9.83
C LEU A 120 -9.25 -3.82 -8.74
N ILE A 121 -8.90 -4.23 -7.52
CA ILE A 121 -9.86 -4.16 -6.43
C ILE A 121 -9.81 -2.80 -5.74
N HIS A 122 -8.61 -2.22 -5.64
CA HIS A 122 -8.40 -0.91 -4.99
C HIS A 122 -7.46 -0.04 -5.81
N TRP A 123 -7.43 1.24 -5.46
CA TRP A 123 -6.52 2.21 -6.04
C TRP A 123 -6.02 3.07 -4.88
N ASP A 124 -4.71 3.20 -4.72
CA ASP A 124 -4.20 4.12 -3.70
C ASP A 124 -4.23 5.41 -4.52
N VAL A 125 -5.30 6.19 -4.36
CA VAL A 125 -5.46 7.42 -5.13
C VAL A 125 -4.44 8.50 -4.78
N VAL A 126 -4.32 8.81 -3.50
CA VAL A 126 -3.35 9.79 -3.05
C VAL A 126 -2.47 9.11 -2.02
N ASN A 127 -1.17 9.38 -2.06
CA ASN A 127 -0.21 8.74 -1.18
C ASN A 127 0.63 9.76 -0.40
N GLU A 128 0.80 9.52 0.90
CA GLU A 128 1.62 10.36 1.78
C GLU A 128 1.41 11.85 1.65
N ALA A 129 0.18 12.30 1.92
CA ALA A 129 -0.14 13.73 1.80
C ALA A 129 0.06 14.51 3.11
N PHE A 130 0.42 13.81 4.19
CA PHE A 130 0.60 14.47 5.48
C PHE A 130 1.99 14.37 6.06
N GLU A 131 2.33 15.36 6.89
CA GLU A 131 3.61 15.39 7.58
C GLU A 131 3.37 14.67 8.90
N GLU A 132 4.42 14.39 9.64
CA GLU A 132 4.26 13.68 10.91
C GLU A 132 3.40 14.42 11.93
N ASP A 133 3.38 15.76 11.86
CA ASP A 133 2.59 16.53 12.81
C ASP A 133 1.13 16.70 12.38
N GLY A 134 0.77 16.08 11.27
CA GLY A 134 -0.61 16.18 10.82
C GLY A 134 -0.89 17.29 9.83
N SER A 135 0.10 18.11 9.53
CA SER A 135 -0.09 19.20 8.56
C SER A 135 0.08 18.62 7.17
N ARG A 136 -0.37 19.37 6.15
CA ARG A 136 -0.26 18.90 4.77
C ARG A 136 1.19 18.92 4.28
N ARG A 137 1.59 17.88 3.58
CA ARG A 137 2.93 17.83 3.01
C ARG A 137 2.89 18.88 1.91
N GLN A 138 3.92 19.73 1.84
CA GLN A 138 3.96 20.79 0.85
C GLN A 138 4.52 20.33 -0.50
N SER A 139 3.86 19.33 -1.09
CA SER A 139 4.28 18.80 -2.38
C SER A 139 3.84 19.78 -3.47
N VAL A 140 4.21 19.48 -4.71
CA VAL A 140 3.83 20.32 -5.84
C VAL A 140 2.31 20.47 -5.93
N PHE A 141 1.59 19.39 -5.65
CA PHE A 141 0.13 19.40 -5.71
C PHE A 141 -0.49 20.29 -4.62
N GLN A 142 -0.01 20.14 -3.39
CA GLN A 142 -0.52 20.93 -2.28
C GLN A 142 -0.26 22.42 -2.52
N GLN A 143 0.98 22.74 -2.91
CA GLN A 143 1.39 24.11 -3.15
C GLN A 143 0.71 24.83 -4.31
N LYS A 144 0.56 24.15 -5.43
CA LYS A 144 -0.04 24.79 -6.61
C LYS A 144 -1.54 24.64 -6.74
N ILE A 145 -2.10 23.56 -6.20
CA ILE A 145 -3.54 23.36 -6.28
C ILE A 145 -4.24 23.80 -4.99
N GLY A 146 -3.58 23.59 -3.86
CA GLY A 146 -4.18 23.95 -2.59
C GLY A 146 -4.75 22.73 -1.89
N ASP A 147 -5.42 22.93 -0.76
CA ASP A 147 -5.99 21.83 0.01
C ASP A 147 -6.96 20.90 -0.70
N SER A 148 -7.68 21.40 -1.69
CA SER A 148 -8.66 20.57 -2.39
C SER A 148 -8.10 19.53 -3.36
N TYR A 149 -6.78 19.50 -3.56
CA TYR A 149 -6.22 18.55 -4.52
C TYR A 149 -6.56 17.10 -4.18
N ILE A 150 -6.52 16.75 -2.89
CA ILE A 150 -6.83 15.38 -2.50
C ILE A 150 -8.27 15.04 -2.88
N ALA A 151 -9.22 15.88 -2.48
CA ALA A 151 -10.62 15.64 -2.81
C ALA A 151 -10.81 15.53 -4.33
N GLU A 152 -10.19 16.44 -5.07
CA GLU A 152 -10.31 16.43 -6.53
C GLU A 152 -9.76 15.13 -7.12
N ALA A 153 -8.70 14.61 -6.53
CA ALA A 153 -8.11 13.37 -7.00
C ALA A 153 -9.10 12.22 -6.83
N PHE A 154 -9.74 12.15 -5.67
CA PHE A 154 -10.71 11.08 -5.44
C PHE A 154 -11.92 11.21 -6.36
N LYS A 155 -12.37 12.44 -6.60
CA LYS A 155 -13.51 12.65 -7.50
C LYS A 155 -13.17 12.16 -8.90
N ALA A 156 -11.99 12.54 -9.38
CA ALA A 156 -11.53 12.15 -10.72
C ALA A 156 -11.45 10.62 -10.85
N ALA A 157 -10.94 9.96 -9.82
CA ALA A 157 -10.81 8.51 -9.84
C ALA A 157 -12.17 7.83 -9.91
N ARG A 158 -13.09 8.29 -9.06
CA ARG A 158 -14.43 7.74 -9.02
C ARG A 158 -15.14 7.91 -10.36
N ALA A 159 -14.93 9.06 -11.00
CA ALA A 159 -15.56 9.33 -12.29
C ALA A 159 -15.07 8.39 -13.39
N ALA A 160 -13.82 7.95 -13.28
CA ALA A 160 -13.22 7.06 -14.28
C ALA A 160 -13.50 5.57 -14.04
N ASP A 161 -13.82 5.20 -12.80
CA ASP A 161 -14.11 3.81 -12.45
C ASP A 161 -15.01 3.83 -11.23
N PRO A 162 -16.33 3.65 -11.43
CA PRO A 162 -17.35 3.63 -10.39
C PRO A 162 -17.29 2.49 -9.38
N ASP A 163 -16.66 1.39 -9.73
CA ASP A 163 -16.62 0.22 -8.85
C ASP A 163 -15.39 -0.04 -8.01
N VAL A 164 -14.22 0.40 -8.46
CA VAL A 164 -13.00 0.15 -7.72
C VAL A 164 -12.99 0.90 -6.37
N LYS A 165 -12.44 0.25 -5.34
CA LYS A 165 -12.37 0.90 -4.02
C LYS A 165 -11.28 1.97 -4.04
N LEU A 166 -11.62 3.17 -3.59
CA LEU A 166 -10.65 4.26 -3.58
C LEU A 166 -10.03 4.42 -2.19
N TYR A 167 -8.71 4.30 -2.13
CA TYR A 167 -7.98 4.40 -0.86
C TYR A 167 -7.05 5.58 -0.72
N TYR A 168 -6.92 6.07 0.52
CA TYR A 168 -5.95 7.12 0.83
C TYR A 168 -4.88 6.27 1.51
N ASN A 169 -3.63 6.40 1.09
CA ASN A 169 -2.54 5.59 1.62
C ASN A 169 -1.45 6.44 2.28
N ASP A 170 -0.90 5.97 3.40
CA ASP A 170 0.15 6.72 4.08
C ASP A 170 0.86 5.85 5.11
N TYR A 171 2.03 6.31 5.56
CA TYR A 171 2.80 5.59 6.57
C TYR A 171 2.71 6.32 7.90
N ASN A 172 3.14 5.64 8.97
CA ASN A 172 3.10 6.20 10.30
C ASN A 172 1.71 6.62 10.72
N ILE A 173 0.70 5.89 10.25
CA ILE A 173 -0.67 6.18 10.62
C ILE A 173 -1.29 4.90 11.19
N GLU A 174 -0.44 4.02 11.71
CA GLU A 174 -0.91 2.77 12.30
C GLU A 174 -1.38 3.02 13.73
N GLY A 175 -0.66 3.87 14.45
CA GLY A 175 -1.05 4.18 15.82
C GLY A 175 -1.82 5.47 15.92
N ILE A 176 -2.59 5.63 17.00
CA ILE A 176 -3.37 6.83 17.21
C ILE A 176 -2.35 7.94 17.50
N GLY A 177 -2.42 9.02 16.75
CA GLY A 177 -1.47 10.10 16.95
C GLY A 177 -1.78 11.28 16.04
N PRO A 178 -0.91 12.30 16.00
CA PRO A 178 -1.09 13.48 15.17
C PRO A 178 -1.35 13.19 13.69
N LYS A 179 -0.59 12.27 13.12
CA LYS A 179 -0.74 11.94 11.71
C LYS A 179 -2.04 11.19 11.40
N SER A 180 -2.31 10.08 12.08
CA SER A 180 -3.55 9.35 11.81
C SER A 180 -4.76 10.19 12.14
N ASP A 181 -4.62 11.11 13.11
CA ASP A 181 -5.72 12.00 13.47
C ASP A 181 -6.09 12.86 12.27
N ALA A 182 -5.08 13.40 11.59
CA ALA A 182 -5.30 14.24 10.42
C ALA A 182 -6.02 13.45 9.34
N VAL A 183 -5.60 12.20 9.12
CA VAL A 183 -6.25 11.36 8.12
C VAL A 183 -7.69 11.11 8.55
N TYR A 184 -7.88 10.84 9.84
CA TYR A 184 -9.21 10.58 10.38
C TYR A 184 -10.12 11.76 10.12
N GLU A 185 -9.64 12.97 10.38
CA GLU A 185 -10.44 14.17 10.16
C GLU A 185 -10.76 14.36 8.68
N MET A 186 -9.78 14.07 7.82
CA MET A 186 -10.00 14.21 6.37
C MET A 186 -11.10 13.26 5.92
N VAL A 187 -11.02 12.00 6.32
CA VAL A 187 -12.02 11.01 5.93
C VAL A 187 -13.40 11.44 6.43
N LYS A 188 -13.44 11.91 7.67
CA LYS A 188 -14.68 12.37 8.29
C LYS A 188 -15.23 13.52 7.46
N SER A 189 -14.34 14.42 7.03
CA SER A 189 -14.71 15.56 6.22
C SER A 189 -15.25 15.12 4.86
N PHE A 190 -14.56 14.16 4.23
CA PHE A 190 -14.98 13.66 2.91
C PHE A 190 -16.37 13.03 2.97
N LYS A 191 -16.61 12.19 3.97
CA LYS A 191 -17.91 11.54 4.11
C LYS A 191 -19.02 12.56 4.29
N ALA A 192 -18.71 13.64 5.00
CA ALA A 192 -19.69 14.69 5.25
C ALA A 192 -20.05 15.48 3.99
N GLN A 193 -19.04 15.73 3.16
CA GLN A 193 -19.26 16.50 1.94
C GLN A 193 -19.59 15.67 0.71
N GLY A 194 -19.62 14.35 0.87
CA GLY A 194 -19.93 13.50 -0.26
C GLY A 194 -18.77 13.29 -1.22
N ILE A 195 -17.54 13.41 -0.71
CA ILE A 195 -16.36 13.19 -1.53
C ILE A 195 -16.11 11.68 -1.48
N PRO A 196 -16.03 11.03 -2.65
CA PRO A 196 -15.82 9.57 -2.67
C PRO A 196 -14.50 9.12 -2.03
N ILE A 197 -14.62 8.12 -1.15
CA ILE A 197 -13.46 7.54 -0.46
C ILE A 197 -13.97 6.26 0.20
N ASP A 198 -13.33 5.13 -0.11
CA ASP A 198 -13.77 3.83 0.41
C ASP A 198 -12.87 3.18 1.43
N GLY A 199 -11.64 3.65 1.55
CA GLY A 199 -10.74 3.03 2.50
C GLY A 199 -9.47 3.79 2.82
N VAL A 200 -8.85 3.38 3.91
CA VAL A 200 -7.60 3.98 4.34
C VAL A 200 -6.54 2.90 4.32
N GLY A 201 -5.42 3.20 3.66
CA GLY A 201 -4.35 2.24 3.59
C GLY A 201 -3.25 2.62 4.56
N MET A 202 -2.98 1.73 5.52
CA MET A 202 -1.93 1.96 6.49
C MET A 202 -0.76 1.15 5.95
N GLN A 203 0.25 1.84 5.45
CA GLN A 203 1.41 1.18 4.87
C GLN A 203 2.04 0.17 5.82
N ALA A 204 2.04 0.51 7.11
CA ALA A 204 2.60 -0.37 8.12
C ALA A 204 4.08 -0.71 7.95
N HIS A 205 4.89 0.28 7.64
CA HIS A 205 6.33 0.06 7.55
C HIS A 205 6.71 0.26 9.02
N LEU A 206 6.85 -0.83 9.74
CA LEU A 206 7.14 -0.78 11.17
C LEU A 206 8.55 -1.16 11.58
N ILE A 207 8.87 -0.92 12.85
CA ILE A 207 10.18 -1.25 13.41
C ILE A 207 9.95 -2.35 14.44
N ALA A 208 10.73 -3.43 14.36
CA ALA A 208 10.58 -4.53 15.29
C ALA A 208 10.68 -4.03 16.72
N GLY A 209 9.71 -4.41 17.54
CA GLY A 209 9.70 -3.97 18.93
C GLY A 209 9.02 -2.64 19.15
N GLN A 210 8.56 -2.01 18.07
CA GLN A 210 7.90 -0.72 18.19
C GLN A 210 6.54 -0.65 17.50
N VAL A 211 5.79 -1.74 17.55
CA VAL A 211 4.46 -1.74 16.94
C VAL A 211 3.53 -0.95 17.85
N PRO A 212 2.78 0.01 17.29
CA PRO A 212 1.84 0.85 18.04
C PRO A 212 0.77 0.03 18.76
N ALA A 213 0.73 0.13 20.08
CA ALA A 213 -0.25 -0.62 20.86
C ALA A 213 -1.68 -0.22 20.52
N SER A 214 -1.86 1.00 20.02
CA SER A 214 -3.20 1.49 19.67
C SER A 214 -3.62 1.10 18.25
N LEU A 215 -2.85 0.22 17.61
CA LEU A 215 -3.14 -0.20 16.25
C LEU A 215 -4.59 -0.66 16.09
N GLN A 216 -4.99 -1.65 16.87
CA GLN A 216 -6.36 -2.17 16.77
C GLN A 216 -7.41 -1.07 16.91
N GLU A 217 -7.27 -0.23 17.93
CA GLU A 217 -8.22 0.83 18.16
C GLU A 217 -8.22 1.82 16.99
N ASN A 218 -7.05 2.03 16.40
CA ASN A 218 -6.95 2.96 15.28
C ASN A 218 -7.67 2.36 14.07
N ILE A 219 -7.49 1.07 13.82
CA ILE A 219 -8.15 0.42 12.69
C ILE A 219 -9.66 0.49 12.89
N ARG A 220 -10.11 0.21 14.12
CA ARG A 220 -11.53 0.22 14.40
C ARG A 220 -12.19 1.59 14.24
N ARG A 221 -11.54 2.67 14.70
CA ARG A 221 -12.15 3.99 14.58
C ARG A 221 -12.34 4.40 13.13
N PHE A 222 -11.46 3.94 12.25
CA PHE A 222 -11.59 4.26 10.85
C PHE A 222 -12.75 3.45 10.27
N ALA A 223 -12.83 2.19 10.69
CA ALA A 223 -13.90 1.31 10.24
C ALA A 223 -15.25 1.90 10.64
N ASP A 224 -15.32 2.46 11.86
CA ASP A 224 -16.56 3.05 12.34
C ASP A 224 -16.95 4.30 11.56
N LEU A 225 -16.00 4.89 10.84
CA LEU A 225 -16.29 6.08 10.03
C LEU A 225 -16.99 5.71 8.74
N GLY A 226 -16.99 4.42 8.41
CA GLY A 226 -17.63 3.99 7.19
C GLY A 226 -16.68 3.67 6.05
N VAL A 227 -15.41 3.45 6.37
CA VAL A 227 -14.42 3.10 5.34
C VAL A 227 -13.71 1.81 5.72
N ASP A 228 -13.20 1.11 4.71
CA ASP A 228 -12.48 -0.13 4.96
C ASP A 228 -11.05 0.25 5.29
N VAL A 229 -10.31 -0.70 5.84
CA VAL A 229 -8.92 -0.47 6.17
C VAL A 229 -8.11 -1.63 5.62
N ALA A 230 -6.89 -1.33 5.17
CA ALA A 230 -6.00 -2.36 4.66
C ALA A 230 -4.58 -2.02 5.09
N LEU A 231 -3.79 -3.03 5.42
CA LEU A 231 -2.39 -2.82 5.77
C LEU A 231 -1.77 -3.07 4.41
N THR A 232 -1.30 -2.00 3.78
CA THR A 232 -0.81 -2.04 2.41
C THR A 232 0.65 -2.32 2.05
N GLU A 233 1.58 -2.04 2.95
CA GLU A 233 2.98 -2.26 2.62
C GLU A 233 3.73 -2.75 3.84
N LEU A 234 3.15 -3.77 4.49
CA LEU A 234 3.72 -4.30 5.70
C LEU A 234 5.11 -4.91 5.66
N ASP A 235 5.94 -4.42 6.58
CA ASP A 235 7.27 -4.93 6.85
C ASP A 235 7.67 -4.43 8.24
N ILE A 236 8.46 -5.22 8.95
CA ILE A 236 8.88 -4.88 10.30
C ILE A 236 10.38 -5.04 10.32
N ARG A 237 11.07 -3.93 10.09
CA ARG A 237 12.52 -3.94 10.04
C ARG A 237 13.21 -3.95 11.40
N MET A 238 14.45 -4.42 11.39
CA MET A 238 15.25 -4.49 12.61
C MET A 238 16.64 -4.00 12.28
N THR A 239 17.39 -3.67 13.32
CA THR A 239 18.76 -3.22 13.13
C THR A 239 19.57 -4.50 12.96
N LEU A 240 20.32 -4.58 11.87
CA LEU A 240 21.13 -5.76 11.60
C LEU A 240 22.30 -5.86 12.59
N PRO A 241 22.84 -7.08 12.78
CA PRO A 241 22.44 -8.33 12.13
C PRO A 241 21.28 -9.02 12.84
N ARG A 242 20.71 -10.03 12.20
CA ARG A 242 19.62 -10.80 12.79
C ARG A 242 20.16 -11.60 13.96
N THR A 243 19.28 -11.88 14.92
CA THR A 243 19.62 -12.70 16.08
C THR A 243 18.34 -13.46 16.37
N ALA A 244 18.43 -14.58 17.07
CA ALA A 244 17.24 -15.35 17.40
C ALA A 244 16.26 -14.47 18.16
N ALA A 245 16.77 -13.62 19.04
CA ALA A 245 15.92 -12.73 19.83
C ALA A 245 15.19 -11.72 18.95
N LYS A 246 15.91 -11.10 18.02
CA LYS A 246 15.29 -10.12 17.12
C LYS A 246 14.25 -10.82 16.24
N ASP A 247 14.61 -11.98 15.70
CA ASP A 247 13.68 -12.75 14.87
C ASP A 247 12.42 -13.07 15.65
N ALA A 248 12.59 -13.42 16.93
CA ALA A 248 11.45 -13.76 17.77
C ALA A 248 10.57 -12.55 18.05
N GLN A 249 11.20 -11.41 18.27
CA GLN A 249 10.45 -10.18 18.53
C GLN A 249 9.65 -9.85 17.26
N GLN A 250 10.32 -9.94 16.12
CA GLN A 250 9.69 -9.68 14.83
C GLN A 250 8.47 -10.58 14.64
N ALA A 251 8.59 -11.84 15.03
CA ALA A 251 7.50 -12.80 14.88
C ALA A 251 6.31 -12.35 15.73
N THR A 252 6.58 -12.00 16.98
CA THR A 252 5.52 -11.54 17.88
C THR A 252 4.83 -10.32 17.27
N ASP A 253 5.62 -9.42 16.69
CA ASP A 253 5.07 -8.21 16.08
C ASP A 253 4.15 -8.55 14.91
N TYR A 254 4.61 -9.42 14.02
CA TYR A 254 3.78 -9.80 12.87
C TYR A 254 2.47 -10.41 13.35
N GLY A 255 2.56 -11.28 14.36
CA GLY A 255 1.35 -11.90 14.89
C GLY A 255 0.37 -10.88 15.43
N ALA A 256 0.90 -9.88 16.15
CA ALA A 256 0.06 -8.84 16.74
C ALA A 256 -0.63 -8.02 15.66
N VAL A 257 0.12 -7.66 14.63
CA VAL A 257 -0.41 -6.87 13.51
C VAL A 257 -1.53 -7.64 12.81
N VAL A 258 -1.28 -8.91 12.52
CA VAL A 258 -2.29 -9.72 11.84
C VAL A 258 -3.55 -9.85 12.70
N GLU A 259 -3.39 -10.13 13.99
CA GLU A 259 -4.53 -10.26 14.89
C GLU A 259 -5.35 -8.97 14.94
N ALA A 260 -4.67 -7.83 14.97
CA ALA A 260 -5.36 -6.54 15.02
C ALA A 260 -6.32 -6.37 13.84
N CYS A 261 -5.87 -6.81 12.67
CA CYS A 261 -6.67 -6.71 11.46
C CYS A 261 -7.83 -7.69 11.49
N LEU A 262 -7.57 -8.94 11.85
CA LEU A 262 -8.60 -9.96 11.90
C LEU A 262 -9.71 -9.65 12.90
N VAL A 263 -9.40 -8.83 13.89
CA VAL A 263 -10.38 -8.45 14.91
C VAL A 263 -11.37 -7.40 14.41
N VAL A 264 -10.96 -6.62 13.40
CA VAL A 264 -11.83 -5.59 12.84
C VAL A 264 -12.46 -6.04 11.54
N SER A 265 -13.79 -6.13 11.55
CA SER A 265 -14.57 -6.56 10.40
C SER A 265 -14.23 -5.88 9.08
N ARG A 266 -13.94 -4.59 9.11
CA ARG A 266 -13.64 -3.88 7.87
C ARG A 266 -12.17 -3.83 7.47
N CYS A 267 -11.33 -4.61 8.13
CA CYS A 267 -9.92 -4.66 7.74
C CYS A 267 -9.95 -5.76 6.69
N VAL A 268 -9.94 -5.35 5.42
CA VAL A 268 -10.04 -6.28 4.29
C VAL A 268 -8.85 -7.16 3.92
N GLY A 269 -7.65 -6.77 4.31
CA GLY A 269 -6.51 -7.58 3.94
C GLY A 269 -5.16 -6.99 4.27
N ILE A 270 -4.11 -7.78 4.06
CA ILE A 270 -2.74 -7.39 4.33
C ILE A 270 -1.84 -7.67 3.13
N THR A 271 -0.98 -6.72 2.81
CA THR A 271 -0.02 -6.86 1.74
C THR A 271 1.36 -6.57 2.33
N VAL A 272 2.32 -7.48 2.18
CA VAL A 272 3.67 -7.20 2.67
C VAL A 272 4.41 -6.53 1.52
N TRP A 273 5.30 -5.58 1.80
CA TRP A 273 6.01 -4.90 0.73
C TRP A 273 7.11 -5.82 0.23
N ASP A 274 6.64 -6.77 -0.58
CA ASP A 274 7.37 -7.88 -1.17
C ASP A 274 7.44 -8.86 0.00
N TYR A 275 7.95 -10.06 -0.22
CA TYR A 275 7.92 -11.05 0.85
C TYR A 275 9.24 -11.67 1.31
N THR A 276 10.31 -11.45 0.55
CA THR A 276 11.60 -11.99 0.92
C THR A 276 12.63 -10.88 1.08
N ASP A 277 13.45 -10.99 2.13
CA ASP A 277 14.50 -10.00 2.39
C ASP A 277 15.37 -9.77 1.15
N LYS A 278 15.47 -10.80 0.32
CA LYS A 278 16.29 -10.74 -0.89
C LYS A 278 15.99 -9.50 -1.73
N TYR A 279 14.72 -9.09 -1.76
CA TYR A 279 14.32 -7.94 -2.57
C TYR A 279 13.71 -6.78 -1.79
N SER A 280 13.84 -6.80 -0.46
CA SER A 280 13.27 -5.73 0.35
C SER A 280 13.90 -4.37 0.08
N TRP A 281 13.07 -3.33 0.06
CA TRP A 281 13.52 -1.96 -0.19
C TRP A 281 14.23 -1.36 1.03
N VAL A 282 13.99 -1.96 2.20
CA VAL A 282 14.54 -1.45 3.46
C VAL A 282 16.04 -1.12 3.53
N PRO A 283 16.92 -2.09 3.24
CA PRO A 283 18.35 -1.82 3.31
C PRO A 283 18.78 -0.57 2.55
N SER A 284 18.14 -0.31 1.41
CA SER A 284 18.47 0.84 0.58
C SER A 284 18.09 2.19 1.19
N VAL A 285 16.96 2.22 1.88
CA VAL A 285 16.47 3.46 2.47
C VAL A 285 16.86 3.66 3.93
N PHE A 286 16.98 2.56 4.67
CA PHE A 286 17.32 2.64 6.09
C PHE A 286 18.66 1.97 6.37
N PRO A 287 19.76 2.72 6.24
CA PRO A 287 21.10 2.18 6.49
C PRO A 287 21.21 1.45 7.82
N GLY A 288 21.79 0.24 7.76
CA GLY A 288 21.95 -0.56 8.96
C GLY A 288 20.73 -1.36 9.37
N GLN A 289 19.63 -1.22 8.62
CA GLN A 289 18.41 -1.95 8.93
C GLN A 289 18.05 -2.91 7.79
N GLY A 290 17.24 -3.91 8.11
CA GLY A 290 16.84 -4.89 7.10
C GLY A 290 16.13 -6.08 7.71
N ALA A 291 16.23 -7.23 7.04
CA ALA A 291 15.59 -8.48 7.50
C ALA A 291 14.16 -8.23 7.94
N ALA A 292 13.45 -7.38 7.20
CA ALA A 292 12.09 -6.99 7.57
C ALA A 292 10.93 -7.88 7.12
N LEU A 293 11.20 -8.87 6.28
CA LEU A 293 10.13 -9.72 5.75
C LEU A 293 10.06 -11.14 6.34
N PRO A 294 8.94 -11.85 6.09
CA PRO A 294 8.74 -13.22 6.59
C PRO A 294 9.62 -14.33 6.01
N TRP A 295 10.18 -14.09 4.83
CA TRP A 295 11.06 -15.05 4.17
C TRP A 295 12.44 -14.40 4.13
N ASP A 296 13.50 -15.13 4.45
CA ASP A 296 14.82 -14.49 4.37
C ASP A 296 15.38 -14.54 2.95
N GLU A 297 16.58 -14.01 2.77
CA GLU A 297 17.22 -13.96 1.45
C GLU A 297 17.38 -15.28 0.73
N ASP A 298 17.27 -16.38 1.45
CA ASP A 298 17.40 -17.70 0.84
C ASP A 298 16.06 -18.40 0.75
N PHE A 299 14.99 -17.62 0.91
CA PHE A 299 13.63 -18.13 0.86
C PHE A 299 13.25 -19.07 1.99
N ALA A 300 13.98 -18.99 3.10
CA ALA A 300 13.63 -19.83 4.26
C ALA A 300 12.56 -19.06 5.02
N LYS A 301 11.51 -19.76 5.45
CA LYS A 301 10.45 -19.12 6.20
C LYS A 301 10.97 -18.84 7.61
N LYS A 302 10.77 -17.60 8.07
CA LYS A 302 11.23 -17.18 9.39
C LYS A 302 10.18 -17.44 10.48
N PRO A 303 10.56 -17.21 11.74
CA PRO A 303 9.61 -17.41 12.83
C PRO A 303 8.41 -16.50 12.58
N ALA A 304 8.66 -15.38 11.90
CA ALA A 304 7.60 -14.43 11.58
C ALA A 304 6.50 -15.10 10.74
N TYR A 305 6.90 -15.98 9.83
CA TYR A 305 5.91 -16.69 9.00
C TYR A 305 4.99 -17.53 9.89
N HIS A 306 5.60 -18.24 10.85
CA HIS A 306 4.84 -19.10 11.77
C HIS A 306 3.80 -18.27 12.50
N ALA A 307 4.21 -17.09 12.97
CA ALA A 307 3.32 -16.21 13.69
C ALA A 307 2.16 -15.71 12.81
N ILE A 308 2.45 -15.39 11.57
CA ILE A 308 1.39 -14.91 10.67
C ILE A 308 0.38 -16.04 10.43
N ALA A 309 0.88 -17.21 10.06
CA ALA A 309 0.01 -18.36 9.81
C ALA A 309 -0.84 -18.68 11.04
N ALA A 310 -0.21 -18.66 12.22
CA ALA A 310 -0.92 -18.95 13.46
C ALA A 310 -2.03 -17.94 13.71
N ALA A 311 -1.74 -16.67 13.47
CA ALA A 311 -2.72 -15.61 13.67
C ALA A 311 -3.90 -15.77 12.70
N LEU A 312 -3.61 -16.13 11.46
CA LEU A 312 -4.65 -16.34 10.47
C LEU A 312 -5.40 -17.62 10.81
N ASN A 313 -4.74 -18.47 11.62
CA ASN A 313 -5.26 -19.76 12.12
C ASN A 313 -5.04 -20.98 11.22
#